data_4ZBQ
#
_entry.id   4ZBQ
#
_cell.length_a   93.580
_cell.length_b   93.580
_cell.length_c   141.070
_cell.angle_alpha   90.00
_cell.angle_beta   90.00
_cell.angle_gamma   120.00
#
_symmetry.space_group_name_H-M   'P 61'
#
loop_
_entity.id
_entity.type
_entity.pdbx_description
1 polymer 'Serum albumin'
2 non-polymer '2-[2,6-DICHLOROPHENYL)AMINO]BENZENEACETIC ACID'
3 non-polymer 'ACETATE ION'
4 non-polymer 'SUCCINIC ACID'
5 non-polymer '(2S)-2-hydroxybutanedioic acid'
6 non-polymer 'L(+)-TARTARIC ACID'
7 water water
#
_entity_poly.entity_id   1
_entity_poly.type   'polypeptide(L)'
_entity_poly.pdbx_seq_one_letter_code
;DTHKSEIAHRFNDLGEKHFKGLVLVAFSQYLQQCPFEDHVKLVNEVTEFAKKCAADESAENCDKSLHTLFGDKLCTVATL
RATYGELADCCEKQEPERNECFLTHKDDHPNLPKLKPEPDAQCAAFQEDPDKFLGKYLYEVARRHPYFYGPELLFHAEEY
KADFTECCPADDKAGCLIPKLDALKERILLSSAKERLKCSSFQNFGERAVKAWSVARLSQKFPKADFAEVSKIVTDLTKV
HKECCHGDLLECADDRADLAKYICEHQDSISGKLKACCDKPLLQKSHCIAEVKEDDLPSDLPALAADFAEDKEICKHYKD
AKDVFLGTFLYEYSRRHPDYSVSLLLRIAKTYEATLEKCCAEADPPACYATVFDQFTPLVEEPKSLVKKNCDLFEEVGEY
DFQNALIVRYTKKAPQVSTPTLVEIGRTLGKVGSRCCKLPESERLPCSENHLALALNRLCVLHEKTPVSEKITKCCTDSL
AERRPCFSALELDEGYVPKEFKAETFTFHADICTLPEDEKQIKKQSALAELVKHKPKATKEQLKTVLGNFSAFVAKCCGA
EDKEACFAEEGPKLVASSQLALA
;
_entity_poly.pdbx_strand_id   A
#
# COMPACT_ATOMS: atom_id res chain seq x y z
N LYS A 4 -14.96 -28.94 -15.72
CA LYS A 4 -16.06 -29.53 -14.89
C LYS A 4 -16.12 -28.76 -13.55
N SER A 5 -15.19 -29.12 -12.66
CA SER A 5 -15.17 -28.62 -11.29
C SER A 5 -13.98 -27.69 -11.10
N GLU A 6 -14.25 -26.41 -11.11
CA GLU A 6 -13.23 -25.41 -10.76
C GLU A 6 -12.62 -25.66 -9.37
N ILE A 7 -13.44 -26.00 -8.39
CA ILE A 7 -12.91 -26.23 -7.03
C ILE A 7 -11.91 -27.40 -6.98
N ALA A 8 -12.23 -28.49 -7.67
CA ALA A 8 -11.28 -29.61 -7.84
C ALA A 8 -10.02 -29.15 -8.61
N HIS A 9 -10.20 -28.44 -9.70
CA HIS A 9 -9.12 -27.94 -10.49
C HIS A 9 -8.15 -27.14 -9.60
N ARG A 10 -8.68 -26.19 -8.79
CA ARG A 10 -7.79 -25.36 -7.95
C ARG A 10 -7.19 -26.14 -6.84
N PHE A 11 -7.99 -27.04 -6.25
CA PHE A 11 -7.47 -27.98 -5.25
C PHE A 11 -6.31 -28.82 -5.77
N ASN A 12 -6.49 -29.37 -6.97
CA ASN A 12 -5.44 -30.16 -7.62
C ASN A 12 -4.24 -29.31 -7.91
N ASP A 13 -4.44 -28.07 -8.34
CA ASP A 13 -3.30 -27.24 -8.80
C ASP A 13 -2.46 -26.75 -7.63
N LEU A 14 -3.13 -26.35 -6.58
CA LEU A 14 -2.44 -25.67 -5.48
C LEU A 14 -1.98 -26.62 -4.42
N GLY A 15 -2.67 -27.75 -4.30
CA GLY A 15 -2.43 -28.68 -3.22
C GLY A 15 -3.17 -28.17 -2.00
N GLU A 16 -3.31 -29.07 -1.04
CA GLU A 16 -4.21 -28.87 0.09
C GLU A 16 -3.75 -27.76 1.01
N LYS A 17 -2.46 -27.76 1.36
CA LYS A 17 -1.92 -26.73 2.23
C LYS A 17 -2.14 -25.29 1.69
N HIS A 18 -1.74 -25.00 0.45
CA HIS A 18 -1.91 -23.68 -0.12
C HIS A 18 -3.38 -23.37 -0.34
N PHE A 19 -4.17 -24.36 -0.68
CA PHE A 19 -5.60 -24.17 -0.90
C PHE A 19 -6.32 -23.69 0.41
N LYS A 20 -6.04 -24.40 1.51
CA LYS A 20 -6.61 -24.10 2.81
C LYS A 20 -6.16 -22.73 3.28
N GLY A 21 -4.86 -22.45 3.13
CA GLY A 21 -4.31 -21.16 3.49
C GLY A 21 -5.00 -20.04 2.74
N LEU A 22 -5.11 -20.19 1.45
CA LEU A 22 -5.73 -19.17 0.65
C LEU A 22 -7.18 -19.02 0.98
N VAL A 23 -7.88 -20.13 1.21
CA VAL A 23 -9.31 -20.05 1.60
C VAL A 23 -9.51 -19.38 3.00
N LEU A 24 -8.63 -19.68 3.94
CA LEU A 24 -8.62 -18.97 5.22
C LEU A 24 -8.38 -17.48 5.06
N VAL A 25 -7.43 -17.13 4.22
CA VAL A 25 -7.17 -15.70 3.92
C VAL A 25 -8.42 -15.03 3.36
N ALA A 26 -9.02 -15.62 2.35
CA ALA A 26 -10.14 -15.03 1.67
C ALA A 26 -11.34 -14.80 2.60
N PHE A 27 -11.68 -15.80 3.41
CA PHE A 27 -12.69 -15.68 4.43
C PHE A 27 -12.37 -14.64 5.50
N SER A 28 -11.14 -14.57 5.99
CA SER A 28 -10.82 -13.56 6.97
C SER A 28 -10.94 -12.13 6.40
N GLN A 29 -10.65 -11.96 5.11
CA GLN A 29 -10.72 -10.64 4.46
C GLN A 29 -12.12 -10.29 4.21
N TYR A 30 -12.94 -11.27 3.87
CA TYR A 30 -14.35 -10.98 3.65
C TYR A 30 -15.15 -10.79 4.96
N LEU A 31 -14.84 -11.56 5.98
CA LEU A 31 -15.54 -11.51 7.29
C LEU A 31 -14.57 -11.25 8.38
N GLN A 32 -14.37 -9.99 8.65
CA GLN A 32 -13.21 -9.58 9.42
C GLN A 32 -13.40 -9.66 10.91
N GLN A 33 -14.66 -9.77 11.33
CA GLN A 33 -15.03 -9.84 12.74
C GLN A 33 -15.26 -11.26 13.32
N CYS A 34 -15.36 -12.29 12.48
CA CYS A 34 -15.61 -13.63 12.98
C CYS A 34 -14.45 -14.16 13.79
N PRO A 35 -14.74 -15.00 14.80
CA PRO A 35 -13.62 -15.60 15.50
C PRO A 35 -12.88 -16.64 14.63
N PHE A 36 -11.64 -16.89 15.03
CA PHE A 36 -10.73 -17.69 14.29
C PHE A 36 -11.29 -19.08 14.11
N GLU A 37 -11.73 -19.67 15.22
CA GLU A 37 -12.18 -21.04 15.26
C GLU A 37 -13.31 -21.26 14.25
N ASP A 38 -14.24 -20.34 14.16
CA ASP A 38 -15.32 -20.47 13.17
C ASP A 38 -14.93 -20.40 11.67
N HIS A 39 -14.02 -19.50 11.33
CA HIS A 39 -13.43 -19.50 10.00
C HIS A 39 -12.72 -20.83 9.69
N VAL A 40 -12.02 -21.38 10.65
CA VAL A 40 -11.37 -22.67 10.48
C VAL A 40 -12.42 -23.74 10.04
N LYS A 41 -13.58 -23.75 10.68
CA LYS A 41 -14.63 -24.70 10.36
C LYS A 41 -15.09 -24.54 8.95
N LEU A 42 -15.25 -23.29 8.52
CA LEU A 42 -15.73 -23.05 7.17
C LEU A 42 -14.72 -23.50 6.14
N VAL A 43 -13.44 -23.28 6.44
CA VAL A 43 -12.37 -23.67 5.56
C VAL A 43 -12.36 -25.21 5.41
N ASN A 44 -12.44 -25.89 6.52
CA ASN A 44 -12.44 -27.36 6.54
C ASN A 44 -13.61 -27.90 5.76
N GLU A 45 -14.79 -27.28 5.89
CA GLU A 45 -15.94 -27.72 5.11
C GLU A 45 -15.77 -27.49 3.58
N VAL A 46 -15.25 -26.32 3.21
CA VAL A 46 -15.00 -26.03 1.82
C VAL A 46 -13.99 -27.05 1.29
N THR A 47 -13.00 -27.37 2.11
CA THR A 47 -11.91 -28.18 1.68
C THR A 47 -12.41 -29.64 1.51
N GLU A 48 -13.33 -30.06 2.41
CA GLU A 48 -13.95 -31.37 2.32
C GLU A 48 -14.73 -31.55 1.03
N PHE A 49 -15.49 -30.52 0.70
CA PHE A 49 -16.17 -30.46 -0.55
C PHE A 49 -15.23 -30.56 -1.73
N ALA A 50 -14.13 -29.81 -1.69
CA ALA A 50 -13.19 -29.86 -2.77
C ALA A 50 -12.64 -31.29 -2.95
N LYS A 51 -12.40 -31.96 -1.85
CA LYS A 51 -11.90 -33.36 -1.91
C LYS A 51 -12.91 -34.32 -2.49
N LYS A 52 -14.16 -34.21 -2.05
CA LYS A 52 -15.26 -34.97 -2.69
C LYS A 52 -15.28 -34.69 -4.20
N CYS A 53 -15.35 -33.41 -4.58
CA CYS A 53 -15.34 -33.04 -5.99
C CYS A 53 -14.15 -33.57 -6.81
N ALA A 54 -12.95 -33.53 -6.23
CA ALA A 54 -11.78 -34.07 -6.89
C ALA A 54 -11.91 -35.58 -7.09
N ALA A 55 -12.67 -36.26 -6.25
CA ALA A 55 -12.89 -37.69 -6.40
C ALA A 55 -13.88 -38.01 -7.52
N ASP A 56 -14.98 -37.27 -7.57
CA ASP A 56 -16.07 -37.42 -8.54
C ASP A 56 -16.53 -36.02 -8.94
N GLU A 57 -16.00 -35.49 -10.02
CA GLU A 57 -16.37 -34.17 -10.51
C GLU A 57 -17.83 -34.06 -10.98
N SER A 58 -18.41 -35.19 -11.34
CA SER A 58 -19.79 -35.20 -11.82
C SER A 58 -20.74 -34.92 -10.65
N ALA A 59 -20.29 -35.22 -9.42
CA ALA A 59 -21.10 -35.06 -8.19
C ALA A 59 -21.84 -33.73 -8.03
N GLU A 60 -22.86 -33.74 -7.18
CA GLU A 60 -23.79 -32.63 -7.08
C GLU A 60 -23.12 -31.35 -6.52
N ASN A 61 -23.37 -30.23 -7.22
CA ASN A 61 -22.80 -28.93 -6.91
C ASN A 61 -21.29 -28.78 -7.20
N CYS A 62 -20.63 -29.83 -7.70
CA CYS A 62 -19.18 -29.75 -7.97
C CYS A 62 -18.91 -28.80 -9.14
N ASP A 63 -19.95 -28.61 -9.95
CA ASP A 63 -19.87 -27.80 -11.13
C ASP A 63 -20.13 -26.32 -10.88
N LYS A 64 -20.49 -25.88 -9.66
CA LYS A 64 -20.70 -24.44 -9.40
C LYS A 64 -19.42 -23.61 -9.36
N SER A 65 -19.56 -22.30 -9.62
CA SER A 65 -18.43 -21.37 -9.52
C SER A 65 -17.85 -21.37 -8.10
N LEU A 66 -16.59 -21.00 -8.00
CA LEU A 66 -15.95 -20.76 -6.70
C LEU A 66 -16.68 -19.74 -5.88
N HIS A 67 -16.95 -18.58 -6.46
CA HIS A 67 -17.63 -17.55 -5.75
C HIS A 67 -18.99 -17.97 -5.34
N THR A 68 -19.66 -18.77 -6.11
CA THR A 68 -20.94 -19.26 -5.66
C THR A 68 -20.76 -20.17 -4.44
N LEU A 69 -19.87 -21.14 -4.54
CA LEU A 69 -19.64 -22.06 -3.41
C LEU A 69 -19.16 -21.29 -2.18
N PHE A 70 -18.22 -20.38 -2.38
CA PHE A 70 -17.61 -19.67 -1.26
CA PHE A 70 -17.55 -19.63 -1.31
C PHE A 70 -18.57 -18.67 -0.66
N GLY A 71 -19.30 -17.96 -1.50
CA GLY A 71 -20.31 -17.01 -1.05
C GLY A 71 -21.42 -17.74 -0.33
N ASP A 72 -21.80 -18.94 -0.82
CA ASP A 72 -22.80 -19.74 -0.12
C ASP A 72 -22.38 -20.12 1.33
N LYS A 73 -21.11 -20.50 1.49
CA LYS A 73 -20.54 -20.75 2.82
C LYS A 73 -20.58 -19.56 3.72
N LEU A 74 -20.06 -18.46 3.22
CA LEU A 74 -20.07 -17.23 4.02
C LEU A 74 -21.46 -16.85 4.54
N CYS A 75 -22.46 -17.12 3.73
CA CYS A 75 -23.84 -16.87 4.07
C CYS A 75 -24.48 -17.75 5.09
N THR A 76 -23.84 -18.87 5.42
CA THR A 76 -24.24 -19.73 6.53
C THR A 76 -23.75 -19.30 7.90
N VAL A 77 -22.84 -18.32 7.98
CA VAL A 77 -22.21 -17.98 9.25
C VAL A 77 -23.26 -17.57 10.32
N ALA A 78 -23.12 -18.17 11.52
CA ALA A 78 -23.99 -17.88 12.65
C ALA A 78 -23.77 -16.40 12.97
N THR A 79 -24.87 -15.71 13.31
CA THR A 79 -24.81 -14.32 13.77
C THR A 79 -24.41 -13.35 12.66
N LEU A 80 -24.56 -13.75 11.40
CA LEU A 80 -24.16 -12.87 10.29
C LEU A 80 -24.84 -11.48 10.40
N ARG A 81 -26.14 -11.47 10.69
CA ARG A 81 -26.94 -10.22 10.78
C ARG A 81 -26.66 -9.40 12.03
N ALA A 82 -26.30 -10.06 13.13
CA ALA A 82 -25.91 -9.40 14.37
C ALA A 82 -24.54 -8.78 14.15
N THR A 83 -23.58 -9.57 13.68
CA THR A 83 -22.21 -9.12 13.52
C THR A 83 -22.03 -8.17 12.33
N TYR A 84 -22.57 -8.53 11.16
CA TYR A 84 -22.44 -7.68 9.94
C TYR A 84 -23.82 -7.27 9.38
N GLY A 85 -24.39 -6.22 9.99
CA GLY A 85 -25.73 -5.72 9.61
C GLY A 85 -25.88 -5.45 8.11
N GLU A 86 -24.81 -4.95 7.53
CA GLU A 86 -24.79 -4.49 6.17
C GLU A 86 -24.63 -5.65 5.17
N LEU A 87 -24.17 -6.82 5.65
CA LEU A 87 -23.86 -7.96 4.81
C LEU A 87 -24.94 -9.01 4.63
N ALA A 88 -25.95 -9.02 5.50
CA ALA A 88 -27.01 -10.01 5.35
C ALA A 88 -27.90 -9.75 4.10
N ASP A 89 -28.05 -8.47 3.70
CA ASP A 89 -28.62 -8.16 2.37
C ASP A 89 -27.84 -8.81 1.21
N CYS A 90 -26.51 -8.80 1.28
CA CYS A 90 -25.70 -9.41 0.20
C CYS A 90 -26.11 -10.88 -0.03
N CYS A 91 -26.42 -11.58 1.04
CA CYS A 91 -26.76 -12.98 0.96
C CYS A 91 -28.05 -13.26 0.19
N GLU A 92 -28.96 -12.27 0.07
CA GLU A 92 -30.15 -12.37 -0.80
C GLU A 92 -29.77 -12.46 -2.29
N LYS A 93 -28.60 -11.97 -2.70
CA LYS A 93 -28.22 -11.79 -4.11
C LYS A 93 -27.48 -12.97 -4.70
N GLN A 94 -27.53 -13.05 -6.02
CA GLN A 94 -26.81 -14.08 -6.77
C GLN A 94 -25.47 -13.49 -7.15
N GLU A 95 -24.59 -14.38 -7.57
CA GLU A 95 -23.35 -14.02 -8.20
C GLU A 95 -23.62 -13.49 -9.61
N PRO A 96 -22.88 -12.50 -10.06
CA PRO A 96 -21.75 -11.90 -9.36
C PRO A 96 -22.19 -10.79 -8.45
N GLU A 97 -23.51 -10.51 -8.44
CA GLU A 97 -24.02 -9.38 -7.66
C GLU A 97 -23.67 -9.57 -6.15
N ARG A 98 -23.63 -10.80 -5.68
CA ARG A 98 -23.34 -11.03 -4.26
C ARG A 98 -21.90 -10.67 -3.91
N ASN A 99 -20.96 -11.10 -4.75
CA ASN A 99 -19.54 -10.82 -4.51
C ASN A 99 -19.22 -9.33 -4.52
N GLU A 100 -19.73 -8.63 -5.53
CA GLU A 100 -19.61 -7.17 -5.57
C GLU A 100 -20.02 -6.53 -4.29
N CYS A 101 -21.18 -6.97 -3.77
CA CYS A 101 -21.71 -6.49 -2.51
C CYS A 101 -20.77 -6.82 -1.35
N PHE A 102 -20.29 -8.06 -1.27
CA PHE A 102 -19.25 -8.38 -0.27
C PHE A 102 -18.02 -7.47 -0.45
N LEU A 103 -17.58 -7.24 -1.69
CA LEU A 103 -16.39 -6.44 -1.89
C LEU A 103 -16.55 -5.00 -1.36
N THR A 104 -17.66 -4.35 -1.70
CA THR A 104 -18.04 -3.05 -1.13
C THR A 104 -17.88 -3.00 0.42
N HIS A 105 -18.34 -4.02 1.15
CA HIS A 105 -18.34 -4.07 2.65
CA HIS A 105 -18.35 -3.88 2.61
C HIS A 105 -17.01 -4.30 3.28
N LYS A 106 -15.98 -4.60 2.51
CA LYS A 106 -14.67 -4.78 3.12
C LYS A 106 -14.26 -3.52 3.86
N ASP A 107 -13.63 -3.70 5.01
CA ASP A 107 -13.37 -2.61 5.94
C ASP A 107 -11.88 -2.34 5.99
N ASP A 108 -11.49 -1.23 5.39
CA ASP A 108 -10.11 -0.83 5.44
C ASP A 108 -9.52 -0.37 6.78
N HIS A 109 -10.32 -0.03 7.75
CA HIS A 109 -9.75 0.41 9.01
C HIS A 109 -10.54 -0.20 10.09
N PRO A 110 -10.44 -1.53 10.26
CA PRO A 110 -11.30 -2.15 11.30
C PRO A 110 -10.91 -1.74 12.72
N ASN A 111 -9.66 -1.30 12.91
CA ASN A 111 -9.17 -0.78 14.18
C ASN A 111 -9.13 -1.85 15.29
N LEU A 112 -8.60 -2.98 14.91
CA LEU A 112 -8.48 -4.12 15.78
C LEU A 112 -7.28 -3.96 16.70
N PRO A 113 -7.21 -4.72 17.79
CA PRO A 113 -6.08 -4.49 18.65
C PRO A 113 -4.77 -4.72 17.93
N LYS A 114 -3.81 -3.88 18.26
CA LYS A 114 -2.43 -4.05 17.81
C LYS A 114 -1.87 -5.42 18.16
N LEU A 115 -1.22 -6.06 17.19
CA LEU A 115 -0.56 -7.35 17.37
C LEU A 115 0.84 -7.08 17.99
N LYS A 116 0.91 -7.25 19.32
CA LYS A 116 2.11 -7.00 20.13
C LYS A 116 2.74 -8.35 20.38
N PRO A 117 3.96 -8.58 19.87
CA PRO A 117 4.58 -9.87 20.13
C PRO A 117 4.80 -10.19 21.62
N GLU A 118 4.08 -11.18 22.18
CA GLU A 118 4.29 -11.71 23.56
C GLU A 118 5.07 -13.03 23.48
N PRO A 119 6.42 -12.99 23.56
CA PRO A 119 7.22 -14.16 23.10
C PRO A 119 6.98 -15.45 23.81
N ASP A 120 6.77 -15.43 25.12
CA ASP A 120 6.49 -16.68 25.88
C ASP A 120 5.10 -17.29 25.61
N ALA A 121 4.06 -16.44 25.58
CA ALA A 121 2.68 -16.90 25.31
C ALA A 121 2.59 -17.42 23.86
N GLN A 122 3.31 -16.77 22.94
CA GLN A 122 3.28 -17.17 21.54
C GLN A 122 4.14 -18.43 21.25
N CYS A 123 5.31 -18.49 21.85
CA CYS A 123 6.16 -19.65 21.71
C CYS A 123 5.49 -20.86 22.27
N ALA A 124 4.80 -20.68 23.39
CA ALA A 124 4.00 -21.72 24.01
C ALA A 124 2.94 -22.23 23.04
N ALA A 125 2.12 -21.32 22.50
CA ALA A 125 1.05 -21.65 21.52
C ALA A 125 1.55 -22.32 20.22
N PHE A 126 2.69 -21.84 19.77
CA PHE A 126 3.40 -22.40 18.62
C PHE A 126 3.90 -23.84 18.83
N GLN A 127 4.53 -24.06 19.98
CA GLN A 127 5.02 -25.40 20.35
C GLN A 127 3.84 -26.32 20.51
N GLU A 128 2.81 -25.81 21.19
CA GLU A 128 1.56 -26.52 21.41
C GLU A 128 1.00 -27.05 20.11
N ASP A 129 0.66 -26.14 19.17
CA ASP A 129 0.08 -26.51 17.88
C ASP A 129 0.54 -25.50 16.79
N PRO A 130 1.62 -25.83 16.05
CA PRO A 130 2.12 -24.88 15.06
C PRO A 130 1.14 -24.61 13.89
N ASP A 131 0.31 -25.60 13.52
CA ASP A 131 -0.71 -25.46 12.46
C ASP A 131 -1.76 -24.44 12.85
N LYS A 132 -2.33 -24.61 14.02
CA LYS A 132 -3.31 -23.65 14.52
C LYS A 132 -2.69 -22.24 14.69
N PHE A 133 -1.43 -22.18 15.08
CA PHE A 133 -0.71 -20.93 15.38
C PHE A 133 -0.43 -20.15 14.06
N LEU A 134 -0.06 -20.87 13.01
CA LEU A 134 0.16 -20.23 11.72
C LEU A 134 -1.16 -19.82 11.05
N GLY A 135 -2.19 -20.65 11.19
CA GLY A 135 -3.52 -20.30 10.74
C GLY A 135 -3.92 -18.96 11.37
N LYS A 136 -3.67 -18.86 12.66
CA LYS A 136 -4.00 -17.67 13.42
C LYS A 136 -3.35 -16.41 12.86
N TYR A 137 -2.09 -16.53 12.45
CA TYR A 137 -1.37 -15.43 11.87
C TYR A 137 -1.94 -15.02 10.53
N LEU A 138 -2.36 -15.98 9.73
CA LEU A 138 -3.02 -15.69 8.42
C LEU A 138 -4.30 -14.94 8.66
N TYR A 139 -5.09 -15.43 9.58
CA TYR A 139 -6.38 -14.82 9.92
C TYR A 139 -6.20 -13.38 10.48
N GLU A 140 -5.23 -13.18 11.37
CA GLU A 140 -5.10 -11.92 12.04
C GLU A 140 -4.63 -10.86 11.08
N VAL A 141 -3.69 -11.20 10.22
CA VAL A 141 -3.21 -10.24 9.23
C VAL A 141 -4.29 -9.97 8.16
N ALA A 142 -4.86 -11.03 7.60
CA ALA A 142 -5.91 -10.91 6.57
C ALA A 142 -7.10 -10.04 6.97
N ARG A 143 -7.61 -10.21 8.19
CA ARG A 143 -8.72 -9.46 8.65
C ARG A 143 -8.31 -7.95 8.67
N ARG A 144 -7.08 -7.72 9.03
CA ARG A 144 -6.62 -6.39 9.26
C ARG A 144 -6.31 -5.72 7.93
N HIS A 145 -6.06 -6.48 6.88
CA HIS A 145 -5.65 -5.96 5.60
C HIS A 145 -6.42 -6.71 4.56
N PRO A 146 -7.65 -6.32 4.31
CA PRO A 146 -8.54 -7.15 3.50
C PRO A 146 -8.30 -7.16 2.02
N TYR A 147 -7.31 -6.37 1.55
CA TYR A 147 -6.85 -6.43 0.20
C TYR A 147 -5.40 -6.90 0.14
N PHE A 148 -4.90 -7.43 1.23
CA PHE A 148 -3.58 -8.00 1.24
C PHE A 148 -3.48 -9.07 0.11
N TYR A 149 -2.35 -9.01 -0.60
CA TYR A 149 -2.04 -9.93 -1.74
C TYR A 149 -1.99 -11.38 -1.18
N GLY A 150 -3.04 -12.15 -1.41
CA GLY A 150 -3.14 -13.45 -0.77
C GLY A 150 -1.88 -14.31 -0.76
N PRO A 151 -1.32 -14.57 -1.97
CA PRO A 151 -0.16 -15.54 -2.02
C PRO A 151 1.04 -15.06 -1.24
N GLU A 152 1.27 -13.72 -1.25
CA GLU A 152 2.31 -13.12 -0.43
C GLU A 152 2.11 -13.30 1.06
N LEU A 153 0.85 -13.34 1.47
CA LEU A 153 0.61 -13.58 2.88
C LEU A 153 1.07 -15.00 3.27
N LEU A 154 0.92 -15.97 2.37
CA LEU A 154 1.42 -17.31 2.69
C LEU A 154 2.89 -17.26 2.83
N PHE A 155 3.56 -16.52 1.91
CA PHE A 155 5.01 -16.29 2.00
C PHE A 155 5.34 -15.73 3.39
N HIS A 156 4.62 -14.68 3.81
CA HIS A 156 4.96 -14.09 5.10
C HIS A 156 4.77 -15.05 6.31
N ALA A 157 3.78 -15.93 6.22
CA ALA A 157 3.58 -16.99 7.20
C ALA A 157 4.78 -17.90 7.34
N GLU A 158 5.40 -18.27 6.23
CA GLU A 158 6.69 -19.00 6.26
C GLU A 158 7.76 -18.25 7.04
N GLU A 159 7.89 -16.96 6.81
CA GLU A 159 8.87 -16.17 7.55
C GLU A 159 8.53 -16.17 9.06
N TYR A 160 7.26 -15.97 9.36
CA TYR A 160 6.78 -15.91 10.71
C TYR A 160 7.04 -17.26 11.40
N LYS A 161 6.71 -18.34 10.73
CA LYS A 161 7.09 -19.66 11.21
C LYS A 161 8.62 -19.81 11.38
N ALA A 162 9.43 -19.43 10.40
CA ALA A 162 10.92 -19.48 10.56
C ALA A 162 11.45 -18.69 11.76
N ASP A 163 10.80 -17.57 12.09
CA ASP A 163 11.22 -16.73 13.23
C ASP A 163 11.02 -17.40 14.60
N PHE A 164 9.83 -17.96 14.77
CA PHE A 164 9.53 -18.77 15.94
C PHE A 164 10.37 -20.05 15.99
N THR A 165 10.62 -20.69 14.84
CA THR A 165 11.44 -21.89 14.81
C THR A 165 12.84 -21.57 15.29
N GLU A 166 13.47 -20.55 14.74
CA GLU A 166 14.80 -20.12 15.22
C GLU A 166 14.84 -19.62 16.68
N CYS A 167 13.81 -18.89 17.13
CA CYS A 167 13.91 -18.13 18.39
C CYS A 167 13.35 -18.73 19.63
N CYS A 168 12.39 -19.63 19.51
CA CYS A 168 11.75 -20.20 20.70
C CYS A 168 12.68 -21.09 21.55
N PRO A 169 13.66 -21.80 20.93
CA PRO A 169 14.69 -22.48 21.75
C PRO A 169 15.84 -21.61 22.28
N ALA A 170 15.94 -20.34 21.89
CA ALA A 170 17.13 -19.54 22.15
C ALA A 170 17.30 -19.14 23.64
N ASP A 171 18.48 -18.61 23.96
CA ASP A 171 18.79 -18.13 25.31
C ASP A 171 17.99 -16.87 25.62
N ASP A 172 18.21 -15.83 24.81
CA ASP A 172 17.39 -14.63 24.85
C ASP A 172 16.30 -14.72 23.77
N LYS A 173 15.17 -15.32 24.16
CA LYS A 173 14.02 -15.58 23.29
C LYS A 173 13.30 -14.30 22.83
N ALA A 174 13.13 -13.35 23.74
CA ALA A 174 12.60 -12.02 23.41
C ALA A 174 13.62 -11.21 22.62
N GLY A 175 14.91 -11.38 22.88
CA GLY A 175 15.99 -10.64 22.18
C GLY A 175 16.17 -11.03 20.72
N CYS A 176 16.05 -12.32 20.46
CA CYS A 176 16.03 -12.92 19.12
C CYS A 176 14.78 -12.43 18.35
N LEU A 177 13.63 -12.52 19.01
CA LEU A 177 12.33 -12.62 18.36
C LEU A 177 11.68 -11.25 18.11
N ILE A 178 11.68 -10.39 19.13
CA ILE A 178 10.98 -9.10 19.02
C ILE A 178 11.46 -8.26 17.83
N PRO A 179 12.81 -8.18 17.57
CA PRO A 179 13.27 -7.43 16.40
C PRO A 179 12.89 -8.10 15.08
N LYS A 180 12.73 -9.41 15.07
CA LYS A 180 12.27 -10.08 13.86
C LYS A 180 10.80 -9.79 13.55
N LEU A 181 9.95 -9.90 14.57
CA LEU A 181 8.53 -9.69 14.39
C LEU A 181 8.24 -8.22 14.09
N ASP A 182 9.06 -7.32 14.61
CA ASP A 182 8.95 -5.90 14.25
C ASP A 182 9.31 -5.61 12.78
N ALA A 183 10.42 -6.19 12.29
CA ALA A 183 10.80 -6.07 10.88
C ALA A 183 9.69 -6.68 10.01
N LEU A 184 9.23 -7.86 10.41
CA LEU A 184 8.16 -8.51 9.66
C LEU A 184 6.89 -7.67 9.55
N LYS A 185 6.48 -7.12 10.67
CA LYS A 185 5.34 -6.28 10.65
C LYS A 185 5.59 -5.07 9.72
N GLU A 186 6.79 -4.50 9.69
CA GLU A 186 7.02 -3.37 8.78
C GLU A 186 6.87 -3.81 7.34
N ARG A 187 7.37 -5.00 7.03
CA ARG A 187 7.26 -5.58 5.69
C ARG A 187 5.83 -5.86 5.31
N ILE A 188 5.04 -6.29 6.26
CA ILE A 188 3.64 -6.53 6.01
C ILE A 188 2.89 -5.26 5.68
N LEU A 189 3.15 -4.24 6.47
CA LEU A 189 2.48 -2.94 6.27
C LEU A 189 2.81 -2.37 4.90
N LEU A 190 4.08 -2.40 4.53
CA LEU A 190 4.49 -1.96 3.23
C LEU A 190 3.81 -2.77 2.08
N SER A 191 3.80 -4.08 2.24
CA SER A 191 3.20 -4.95 1.23
C SER A 191 1.70 -4.71 1.09
N SER A 192 1.02 -4.56 2.22
CA SER A 192 -0.41 -4.24 2.19
C SER A 192 -0.62 -2.95 1.43
N ALA A 193 0.16 -1.92 1.75
CA ALA A 193 -0.05 -0.60 1.11
C ALA A 193 0.16 -0.69 -0.46
N LYS A 194 1.20 -1.41 -0.88
CA LYS A 194 1.46 -1.64 -2.30
C LYS A 194 0.31 -2.30 -2.98
N GLU A 195 -0.15 -3.40 -2.40
CA GLU A 195 -1.28 -4.05 -3.00
C GLU A 195 -2.52 -3.23 -3.00
N ARG A 196 -2.75 -2.51 -1.88
CA ARG A 196 -3.94 -1.71 -1.83
C ARG A 196 -3.94 -0.62 -2.91
N LEU A 197 -2.78 -0.05 -3.20
CA LEU A 197 -2.69 0.91 -4.32
C LEU A 197 -3.13 0.23 -5.64
N LYS A 198 -2.73 -1.02 -5.86
CA LYS A 198 -3.14 -1.69 -7.09
C LYS A 198 -4.59 -1.89 -7.13
N CYS A 199 -5.16 -2.36 -6.01
CA CYS A 199 -6.63 -2.53 -6.01
C CYS A 199 -7.36 -1.18 -6.12
N SER A 200 -6.86 -0.13 -5.47
CA SER A 200 -7.45 1.21 -5.61
C SER A 200 -7.38 1.68 -7.01
N SER A 201 -6.27 1.39 -7.68
CA SER A 201 -6.15 1.80 -9.07
C SER A 201 -7.15 1.15 -9.99
N PHE A 202 -7.37 -0.16 -9.88
CA PHE A 202 -8.43 -0.81 -10.62
C PHE A 202 -9.80 -0.18 -10.31
N GLN A 203 -10.07 0.01 -9.01
CA GLN A 203 -11.39 0.56 -8.57
C GLN A 203 -11.61 1.95 -9.08
N ASN A 204 -10.63 2.79 -8.89
CA ASN A 204 -10.79 4.20 -9.16
C ASN A 204 -10.45 4.67 -10.54
N PHE A 205 -9.56 3.96 -11.24
CA PHE A 205 -9.06 4.41 -12.52
C PHE A 205 -9.17 3.39 -13.65
N GLY A 206 -9.29 2.10 -13.34
CA GLY A 206 -9.53 1.09 -14.34
C GLY A 206 -8.27 0.32 -14.67
N GLU A 207 -8.46 -0.74 -15.43
CA GLU A 207 -7.37 -1.63 -15.81
C GLU A 207 -6.30 -0.96 -16.68
N ARG A 208 -6.71 -0.06 -17.57
CA ARG A 208 -5.76 0.65 -18.42
C ARG A 208 -4.70 1.40 -17.58
N ALA A 209 -5.12 2.00 -16.48
CA ALA A 209 -4.20 2.66 -15.56
C ALA A 209 -3.25 1.73 -14.89
N VAL A 210 -3.76 0.58 -14.47
CA VAL A 210 -2.93 -0.44 -13.86
C VAL A 210 -1.92 -0.93 -14.86
N LYS A 211 -2.36 -1.14 -16.11
CA LYS A 211 -1.42 -1.61 -17.11
C LYS A 211 -0.32 -0.61 -17.37
N ALA A 212 -0.71 0.66 -17.47
CA ALA A 212 0.26 1.71 -17.72
C ALA A 212 1.30 1.80 -16.63
N TRP A 213 0.83 1.74 -15.38
CA TRP A 213 1.70 1.71 -14.19
C TRP A 213 2.67 0.54 -14.30
N SER A 214 2.17 -0.63 -14.63
CA SER A 214 2.99 -1.81 -14.74
C SER A 214 3.98 -1.82 -15.88
N VAL A 215 3.57 -1.32 -17.05
CA VAL A 215 4.51 -1.16 -18.14
C VAL A 215 5.69 -0.31 -17.72
N ALA A 216 5.41 0.78 -17.06
CA ALA A 216 6.48 1.74 -16.68
C ALA A 216 7.38 1.10 -15.66
N ARG A 217 6.78 0.52 -14.63
CA ARG A 217 7.57 -0.12 -13.58
C ARG A 217 8.37 -1.35 -14.07
N LEU A 218 7.73 -2.27 -14.78
CA LEU A 218 8.45 -3.48 -15.29
C LEU A 218 9.54 -3.12 -16.30
N SER A 219 9.33 -2.08 -17.08
CA SER A 219 10.33 -1.66 -18.06
C SER A 219 11.52 -1.15 -17.31
N GLN A 220 11.35 -0.47 -16.16
CA GLN A 220 12.51 -0.03 -15.36
C GLN A 220 13.20 -1.23 -14.77
N LYS A 221 12.44 -2.22 -14.35
CA LYS A 221 13.04 -3.42 -13.73
C LYS A 221 13.78 -4.35 -14.68
N PHE A 222 13.22 -4.46 -15.87
CA PHE A 222 13.66 -5.39 -16.89
C PHE A 222 14.04 -4.68 -18.14
N PRO A 223 14.99 -3.74 -18.08
CA PRO A 223 15.15 -2.92 -19.26
C PRO A 223 15.76 -3.67 -20.47
N LYS A 224 16.36 -4.86 -20.25
CA LYS A 224 16.81 -5.71 -21.37
C LYS A 224 15.72 -6.45 -22.08
N ALA A 225 14.58 -6.65 -21.45
CA ALA A 225 13.48 -7.32 -22.09
C ALA A 225 12.98 -6.50 -23.27
N ASP A 226 12.57 -7.17 -24.34
CA ASP A 226 11.86 -6.44 -25.40
C ASP A 226 10.40 -6.15 -25.03
N PHE A 227 9.81 -5.22 -25.75
CA PHE A 227 8.43 -4.78 -25.54
C PHE A 227 7.43 -5.97 -25.58
N ALA A 228 7.69 -6.97 -26.39
CA ALA A 228 6.81 -8.11 -26.43
C ALA A 228 6.72 -8.86 -25.11
N GLU A 229 7.87 -9.07 -24.54
CA GLU A 229 8.01 -9.80 -23.32
C GLU A 229 7.41 -8.95 -22.11
N VAL A 230 7.71 -7.66 -22.10
CA VAL A 230 7.11 -6.76 -21.12
C VAL A 230 5.58 -6.80 -21.26
N SER A 231 5.06 -6.77 -22.49
CA SER A 231 3.63 -6.66 -22.70
C SER A 231 2.91 -7.86 -22.19
N LYS A 232 3.56 -8.97 -22.43
CA LYS A 232 3.08 -10.26 -22.03
C LYS A 232 3.02 -10.40 -20.52
N ILE A 233 4.14 -10.04 -19.88
CA ILE A 233 4.21 -10.06 -18.46
C ILE A 233 3.16 -9.08 -17.85
N VAL A 234 3.09 -7.87 -18.36
CA VAL A 234 2.10 -6.96 -17.87
C VAL A 234 0.71 -7.52 -18.01
N THR A 235 0.35 -8.05 -19.17
CA THR A 235 -1.01 -8.54 -19.37
C THR A 235 -1.34 -9.60 -18.33
N ASP A 236 -0.40 -10.49 -18.13
CA ASP A 236 -0.61 -11.58 -17.18
C ASP A 236 -0.61 -11.11 -15.74
N LEU A 237 0.34 -10.26 -15.37
CA LEU A 237 0.41 -9.72 -14.04
C LEU A 237 -0.83 -8.88 -13.69
N THR A 238 -1.29 -8.11 -14.65
CA THR A 238 -2.53 -7.35 -14.44
C THR A 238 -3.71 -8.25 -14.15
N LYS A 239 -3.83 -9.35 -14.91
CA LYS A 239 -4.91 -10.36 -14.63
C LYS A 239 -4.78 -11.01 -13.25
N VAL A 240 -3.55 -11.32 -12.82
CA VAL A 240 -3.33 -11.84 -11.45
C VAL A 240 -3.87 -10.83 -10.42
N HIS A 241 -3.44 -9.57 -10.51
CA HIS A 241 -3.86 -8.63 -9.49
C HIS A 241 -5.34 -8.30 -9.58
N LYS A 242 -5.89 -8.28 -10.77
CA LYS A 242 -7.32 -8.05 -10.88
C LYS A 242 -8.11 -9.16 -10.17
N GLU A 243 -7.69 -10.41 -10.34
CA GLU A 243 -8.31 -11.53 -9.67
C GLU A 243 -8.18 -11.41 -8.15
N CYS A 244 -6.95 -11.16 -7.67
CA CYS A 244 -6.73 -11.03 -6.24
C CYS A 244 -7.55 -9.85 -5.65
N CYS A 245 -7.58 -8.69 -6.31
CA CYS A 245 -8.38 -7.53 -5.89
C CYS A 245 -9.87 -7.83 -5.88
N HIS A 246 -10.30 -8.70 -6.79
CA HIS A 246 -11.69 -9.16 -6.82
C HIS A 246 -12.09 -10.27 -5.87
N GLY A 247 -11.18 -10.72 -5.04
CA GLY A 247 -11.46 -11.80 -4.16
C GLY A 247 -11.27 -13.20 -4.70
N ASP A 248 -10.79 -13.36 -5.94
CA ASP A 248 -10.67 -14.67 -6.61
C ASP A 248 -9.24 -15.16 -6.29
N LEU A 249 -8.98 -15.41 -5.00
CA LEU A 249 -7.63 -15.69 -4.55
C LEU A 249 -7.04 -16.99 -5.09
N LEU A 250 -7.91 -17.99 -5.27
CA LEU A 250 -7.45 -19.29 -5.81
C LEU A 250 -7.03 -19.16 -7.25
N GLU A 251 -7.88 -18.56 -8.06
CA GLU A 251 -7.51 -18.24 -9.44
C GLU A 251 -6.24 -17.36 -9.49
N CYS A 252 -6.21 -16.33 -8.66
CA CYS A 252 -5.07 -15.43 -8.56
C CYS A 252 -3.80 -16.17 -8.29
N ALA A 253 -3.79 -17.03 -7.30
CA ALA A 253 -2.56 -17.76 -6.95
C ALA A 253 -2.04 -18.72 -8.03
N ASP A 254 -2.99 -19.37 -8.68
CA ASP A 254 -2.70 -20.33 -9.74
C ASP A 254 -2.03 -19.56 -10.95
N ASP A 255 -2.66 -18.47 -11.35
CA ASP A 255 -2.18 -17.61 -12.41
C ASP A 255 -0.86 -16.99 -12.03
N ARG A 256 -0.70 -16.64 -10.76
CA ARG A 256 0.60 -16.15 -10.33
C ARG A 256 1.74 -17.17 -10.50
N ALA A 257 1.44 -18.42 -10.16
CA ALA A 257 2.42 -19.47 -10.24
C ALA A 257 2.76 -19.70 -11.73
N ASP A 258 1.76 -19.64 -12.61
CA ASP A 258 2.06 -19.71 -14.04
C ASP A 258 2.96 -18.58 -14.52
N LEU A 259 2.75 -17.35 -14.02
CA LEU A 259 3.59 -16.25 -14.46
C LEU A 259 5.03 -16.38 -14.00
N ALA A 260 5.22 -16.73 -12.74
CA ALA A 260 6.57 -16.96 -12.25
C ALA A 260 7.32 -18.00 -13.01
N LYS A 261 6.61 -19.08 -13.35
CA LYS A 261 7.13 -20.15 -14.22
C LYS A 261 7.58 -19.63 -15.56
N TYR A 262 6.72 -18.88 -16.24
CA TYR A 262 7.09 -18.22 -17.48
C TYR A 262 8.36 -17.34 -17.37
N ILE A 263 8.37 -16.46 -16.39
CA ILE A 263 9.43 -15.49 -16.18
C ILE A 263 10.76 -16.25 -16.01
N CYS A 264 10.76 -17.21 -15.13
CA CYS A 264 11.95 -18.05 -14.92
C CYS A 264 12.39 -18.87 -16.15
N GLU A 265 11.46 -19.35 -16.99
CA GLU A 265 11.89 -20.01 -18.25
C GLU A 265 12.52 -18.99 -19.22
N HIS A 266 12.16 -17.70 -19.14
CA HIS A 266 12.65 -16.71 -20.10
C HIS A 266 13.62 -15.79 -19.44
N GLN A 267 14.21 -16.24 -18.35
CA GLN A 267 14.91 -15.26 -17.54
C GLN A 267 16.05 -14.62 -18.25
N ASP A 268 16.72 -15.36 -19.13
CA ASP A 268 17.89 -14.85 -19.86
C ASP A 268 17.57 -13.75 -20.84
N SER A 269 16.33 -13.67 -21.31
CA SER A 269 15.91 -12.57 -22.11
C SER A 269 15.09 -11.55 -21.32
N ILE A 270 14.93 -11.73 -20.01
CA ILE A 270 14.22 -10.74 -19.21
C ILE A 270 15.15 -9.89 -18.34
N SER A 271 15.99 -10.54 -17.55
CA SER A 271 16.88 -9.84 -16.63
C SER A 271 17.83 -10.81 -16.05
N GLY A 272 19.07 -10.39 -15.89
CA GLY A 272 20.11 -11.17 -15.20
C GLY A 272 19.98 -11.20 -13.68
N LYS A 273 19.15 -10.34 -13.08
CA LYS A 273 18.95 -10.36 -11.65
C LYS A 273 17.95 -11.45 -11.29
N LEU A 274 17.36 -12.11 -12.26
CA LEU A 274 16.33 -13.06 -11.90
C LEU A 274 16.92 -14.41 -11.56
N LYS A 275 18.18 -14.62 -11.87
CA LYS A 275 18.83 -15.90 -11.59
C LYS A 275 18.69 -16.42 -10.13
N ALA A 276 18.95 -15.55 -9.18
CA ALA A 276 18.78 -15.88 -7.76
C ALA A 276 17.32 -16.26 -7.40
N CYS A 277 16.36 -15.55 -7.98
CA CYS A 277 14.94 -15.82 -7.73
C CYS A 277 14.48 -17.14 -8.25
N CYS A 278 14.96 -17.52 -9.42
CA CYS A 278 14.47 -18.71 -10.11
C CYS A 278 15.07 -20.01 -9.53
N ASP A 279 16.15 -19.89 -8.76
CA ASP A 279 16.74 -20.98 -7.96
C ASP A 279 16.02 -21.22 -6.61
N LYS A 280 14.70 -21.10 -6.54
CA LYS A 280 14.04 -21.06 -5.23
C LYS A 280 12.73 -21.78 -5.23
N PRO A 281 12.25 -22.19 -4.04
CA PRO A 281 10.93 -22.80 -3.96
C PRO A 281 9.85 -21.81 -4.33
N LEU A 282 8.67 -22.32 -4.62
CA LEU A 282 7.60 -21.58 -5.25
C LEU A 282 7.22 -20.16 -4.72
N LEU A 283 6.80 -20.07 -3.45
CA LEU A 283 6.37 -18.80 -2.86
C LEU A 283 7.55 -17.85 -2.72
N GLN A 284 8.72 -18.37 -2.35
CA GLN A 284 9.91 -17.52 -2.30
C GLN A 284 10.29 -17.01 -3.69
N LYS A 285 10.07 -17.82 -4.73
CA LYS A 285 10.40 -17.43 -6.08
C LYS A 285 9.57 -16.22 -6.49
N SER A 286 8.26 -16.36 -6.32
CA SER A 286 7.33 -15.30 -6.71
C SER A 286 7.62 -14.04 -5.99
N HIS A 287 7.90 -14.18 -4.71
CA HIS A 287 8.23 -13.05 -3.89
C HIS A 287 9.50 -12.35 -4.38
N CYS A 288 10.54 -13.12 -4.62
CA CYS A 288 11.82 -12.60 -5.11
C CYS A 288 11.62 -11.88 -6.47
N ILE A 289 10.77 -12.42 -7.35
CA ILE A 289 10.48 -11.80 -8.62
C ILE A 289 9.78 -10.46 -8.37
N ALA A 290 8.69 -10.48 -7.58
CA ALA A 290 8.00 -9.28 -7.24
C ALA A 290 8.89 -8.16 -6.69
N GLU A 291 9.96 -8.52 -6.00
CA GLU A 291 10.82 -7.56 -5.29
C GLU A 291 12.13 -7.37 -5.97
N VAL A 292 12.32 -7.95 -7.14
CA VAL A 292 13.66 -7.98 -7.75
C VAL A 292 14.21 -6.57 -8.00
N LYS A 293 15.48 -6.41 -7.85
CA LYS A 293 16.10 -5.11 -8.14
C LYS A 293 16.19 -4.95 -9.67
N GLU A 294 16.28 -3.67 -10.06
CA GLU A 294 16.40 -3.28 -11.46
C GLU A 294 17.70 -3.75 -12.12
N ASP A 295 17.58 -4.25 -13.34
CA ASP A 295 18.78 -4.75 -14.03
C ASP A 295 19.61 -3.57 -14.50
N ASP A 296 20.88 -3.83 -14.83
CA ASP A 296 21.69 -2.82 -15.52
C ASP A 296 21.12 -2.43 -16.86
N LEU A 297 21.30 -1.18 -17.23
CA LEU A 297 20.88 -0.76 -18.56
C LEU A 297 21.66 -1.47 -19.69
N PRO A 298 20.97 -2.05 -20.71
CA PRO A 298 21.79 -2.58 -21.82
C PRO A 298 22.48 -1.45 -22.59
N SER A 299 23.54 -1.78 -23.32
CA SER A 299 24.31 -0.76 -24.03
C SER A 299 23.68 -0.38 -25.39
N ASP A 300 22.72 -1.19 -25.85
CA ASP A 300 22.03 -0.98 -27.10
C ASP A 300 20.65 -0.32 -27.00
N LEU A 301 20.41 0.48 -25.97
CA LEU A 301 19.19 1.26 -25.96
C LEU A 301 19.15 2.18 -27.16
N PRO A 302 18.01 2.18 -27.88
CA PRO A 302 17.88 3.00 -29.10
C PRO A 302 17.65 4.45 -28.78
N ALA A 303 18.07 5.33 -29.68
CA ALA A 303 17.79 6.73 -29.56
C ALA A 303 16.32 6.87 -29.89
N LEU A 304 15.61 7.73 -29.17
CA LEU A 304 14.16 7.81 -29.32
C LEU A 304 13.58 8.93 -30.19
N ALA A 305 14.40 9.93 -30.45
CA ALA A 305 14.04 11.03 -31.34
C ALA A 305 13.50 10.60 -32.67
N ALA A 306 14.09 9.59 -33.28
CA ALA A 306 13.77 9.30 -34.66
C ALA A 306 12.33 8.81 -34.80
N ASP A 307 11.94 7.83 -33.99
CA ASP A 307 10.55 7.35 -34.00
C ASP A 307 9.50 8.27 -33.27
N PHE A 308 9.91 8.96 -32.19
CA PHE A 308 8.95 9.65 -31.32
C PHE A 308 8.90 11.14 -31.47
N ALA A 309 9.89 11.71 -32.14
CA ALA A 309 9.92 13.16 -32.37
C ALA A 309 10.14 13.55 -33.83
N GLU A 310 10.96 12.82 -34.58
CA GLU A 310 11.30 13.22 -35.96
C GLU A 310 10.49 12.51 -37.06
N ASP A 311 10.02 11.30 -36.80
CA ASP A 311 9.29 10.61 -37.84
C ASP A 311 8.15 11.50 -38.33
N LYS A 312 8.02 11.52 -39.65
CA LYS A 312 7.08 12.37 -40.34
C LYS A 312 5.68 11.79 -40.34
N GLU A 313 5.51 10.50 -40.06
CA GLU A 313 4.18 9.86 -40.03
C GLU A 313 3.63 9.61 -38.62
N ILE A 314 4.15 10.35 -37.63
CA ILE A 314 3.80 10.06 -36.20
C ILE A 314 2.31 10.25 -36.04
N CYS A 315 1.75 11.28 -36.68
CA CYS A 315 0.33 11.49 -36.57
C CYS A 315 -0.49 10.34 -37.14
N LYS A 316 -0.04 9.70 -38.19
CA LYS A 316 -0.75 8.50 -38.67
C LYS A 316 -0.59 7.31 -37.70
N HIS A 317 0.61 7.05 -37.18
CA HIS A 317 0.78 5.94 -36.22
C HIS A 317 0.01 6.20 -34.92
N TYR A 318 0.06 7.44 -34.44
CA TYR A 318 -0.67 7.79 -33.24
C TYR A 318 -2.18 7.49 -33.46
N LYS A 319 -2.74 7.97 -34.58
CA LYS A 319 -4.15 7.71 -34.96
C LYS A 319 -4.50 6.22 -35.18
N ASP A 320 -3.65 5.47 -35.87
CA ASP A 320 -3.91 4.04 -36.17
C ASP A 320 -3.94 3.12 -34.97
N ALA A 321 -2.90 3.22 -34.13
CA ALA A 321 -2.83 2.44 -32.90
C ALA A 321 -2.25 3.28 -31.78
N LYS A 322 -3.11 4.10 -31.17
CA LYS A 322 -2.70 4.98 -30.07
C LYS A 322 -2.03 4.10 -29.02
N ASP A 323 -2.76 3.07 -28.61
CA ASP A 323 -2.40 2.27 -27.48
C ASP A 323 -1.03 1.64 -27.64
N VAL A 324 -0.76 1.01 -28.77
CA VAL A 324 0.54 0.37 -29.01
C VAL A 324 1.68 1.41 -29.13
N PHE A 325 1.41 2.50 -29.85
CA PHE A 325 2.39 3.57 -30.06
C PHE A 325 2.82 4.23 -28.73
N LEU A 326 1.84 4.67 -27.96
CA LEU A 326 2.06 5.27 -26.64
C LEU A 326 2.66 4.26 -25.65
N GLY A 327 2.21 3.00 -25.75
CA GLY A 327 2.75 1.96 -24.92
C GLY A 327 4.18 1.76 -25.20
N THR A 328 4.53 1.82 -26.48
CA THR A 328 5.90 1.64 -26.85
C THR A 328 6.73 2.80 -26.32
N PHE A 329 6.22 4.01 -26.46
CA PHE A 329 6.88 5.19 -25.92
C PHE A 329 7.18 5.01 -24.41
N LEU A 330 6.16 4.55 -23.68
CA LEU A 330 6.24 4.41 -22.25
C LEU A 330 7.26 3.36 -21.86
N TYR A 331 7.20 2.24 -22.54
CA TYR A 331 8.23 1.18 -22.38
C TYR A 331 9.61 1.71 -22.62
N GLU A 332 9.82 2.37 -23.75
CA GLU A 332 11.18 2.90 -24.03
C GLU A 332 11.73 3.94 -23.11
N TYR A 333 10.88 4.89 -22.76
CA TYR A 333 11.31 5.98 -21.90
C TYR A 333 11.53 5.46 -20.51
N SER A 334 10.70 4.51 -20.06
CA SER A 334 10.79 3.99 -18.72
C SER A 334 12.04 3.12 -18.54
N ARG A 335 12.34 2.28 -19.52
CA ARG A 335 13.52 1.40 -19.37
C ARG A 335 14.84 2.14 -19.16
N ARG A 336 14.97 3.28 -19.80
CA ARG A 336 16.15 4.13 -19.61
C ARG A 336 16.04 5.08 -18.44
N HIS A 337 14.93 5.09 -17.68
CA HIS A 337 14.80 6.00 -16.56
C HIS A 337 14.42 5.36 -15.22
N PRO A 338 15.29 4.48 -14.71
CA PRO A 338 15.08 3.97 -13.37
C PRO A 338 15.23 5.06 -12.30
N ASP A 339 15.78 6.22 -12.67
CA ASP A 339 15.95 7.35 -11.80
C ASP A 339 14.68 8.23 -11.71
N TYR A 340 13.63 7.86 -12.41
CA TYR A 340 12.34 8.52 -12.30
C TYR A 340 11.34 7.64 -11.55
N SER A 341 10.39 8.30 -10.85
CA SER A 341 9.32 7.58 -10.21
C SER A 341 8.38 7.06 -11.27
N VAL A 342 7.57 6.08 -10.93
CA VAL A 342 6.58 5.61 -11.88
C VAL A 342 5.60 6.71 -12.25
N SER A 343 5.15 7.46 -11.25
CA SER A 343 4.13 8.48 -11.53
C SER A 343 4.69 9.54 -12.43
N LEU A 344 5.94 9.91 -12.22
CA LEU A 344 6.59 10.84 -13.14
C LEU A 344 6.63 10.34 -14.60
N LEU A 345 6.96 9.06 -14.79
CA LEU A 345 6.93 8.47 -16.11
C LEU A 345 5.54 8.53 -16.72
N LEU A 346 4.51 8.25 -15.89
CA LEU A 346 3.15 8.39 -16.37
C LEU A 346 2.79 9.81 -16.70
N ARG A 347 3.31 10.79 -15.94
CA ARG A 347 3.04 12.16 -16.32
C ARG A 347 3.73 12.56 -17.64
N ILE A 348 4.96 12.12 -17.83
CA ILE A 348 5.68 12.30 -19.06
C ILE A 348 4.86 11.65 -20.24
N ALA A 349 4.39 10.41 -20.06
CA ALA A 349 3.58 9.80 -21.10
C ALA A 349 2.32 10.59 -21.41
N LYS A 350 1.64 11.11 -20.39
CA LYS A 350 0.44 11.92 -20.65
C LYS A 350 0.78 13.22 -21.36
N THR A 351 1.93 13.77 -21.04
CA THR A 351 2.33 14.98 -21.73
C THR A 351 2.68 14.69 -23.22
N TYR A 352 3.35 13.56 -23.48
CA TYR A 352 3.63 13.13 -24.86
C TYR A 352 2.32 13.00 -25.66
N GLU A 353 1.37 12.29 -25.10
CA GLU A 353 0.03 12.12 -25.67
C GLU A 353 -0.64 13.45 -25.94
N ALA A 354 -0.64 14.33 -24.95
CA ALA A 354 -1.31 15.62 -25.14
C ALA A 354 -0.60 16.50 -26.21
N THR A 355 0.72 16.37 -26.34
CA THR A 355 1.47 17.11 -27.34
C THR A 355 1.14 16.61 -28.74
N LEU A 356 1.06 15.30 -28.90
CA LEU A 356 0.63 14.78 -30.17
C LEU A 356 -0.81 15.25 -30.50
N GLU A 357 -1.75 15.10 -29.59
CA GLU A 357 -3.13 15.60 -29.78
C GLU A 357 -3.18 17.02 -30.34
N LYS A 358 -2.44 17.91 -29.69
CA LYS A 358 -2.27 19.29 -30.08
C LYS A 358 -1.60 19.44 -31.45
N CYS A 359 -0.43 18.84 -31.62
CA CYS A 359 0.35 18.99 -32.85
C CYS A 359 -0.34 18.38 -34.07
N CYS A 360 -1.03 17.27 -33.91
CA CYS A 360 -1.69 16.60 -35.03
C CYS A 360 -2.95 17.27 -35.54
N ALA A 361 -3.56 18.16 -34.76
CA ALA A 361 -4.70 18.98 -35.22
C ALA A 361 -4.20 20.35 -35.73
N GLU A 362 -3.13 20.33 -36.51
CA GLU A 362 -2.43 21.55 -36.82
C GLU A 362 -1.80 21.46 -38.18
N ALA A 363 -1.48 22.64 -38.70
CA ALA A 363 -1.04 22.86 -40.08
C ALA A 363 0.17 22.01 -40.44
N ASP A 364 1.32 22.29 -39.83
CA ASP A 364 2.48 21.41 -39.93
C ASP A 364 2.71 20.70 -38.59
N PRO A 365 2.07 19.55 -38.38
CA PRO A 365 2.38 18.86 -37.12
C PRO A 365 3.89 18.60 -36.85
N PRO A 366 4.65 18.07 -37.83
CA PRO A 366 6.06 17.72 -37.46
C PRO A 366 6.95 18.82 -36.85
N ALA A 367 6.76 20.06 -37.30
CA ALA A 367 7.48 21.21 -36.73
C ALA A 367 7.01 21.51 -35.30
N CYS A 368 5.73 21.23 -35.03
CA CYS A 368 5.16 21.26 -33.70
C CYS A 368 5.68 20.10 -32.75
N TYR A 369 5.59 18.82 -33.12
CA TYR A 369 6.05 17.77 -32.21
C TYR A 369 7.54 17.52 -32.24
N ALA A 370 8.29 18.22 -33.08
CA ALA A 370 9.77 18.14 -33.09
C ALA A 370 10.36 18.36 -31.72
N THR A 371 9.75 19.25 -30.95
CA THR A 371 10.28 19.64 -29.62
C THR A 371 9.57 18.92 -28.43
N VAL A 372 8.90 17.80 -28.69
CA VAL A 372 8.10 17.16 -27.64
C VAL A 372 8.96 16.75 -26.41
N PHE A 373 10.16 16.20 -26.61
CA PHE A 373 10.99 15.75 -25.46
C PHE A 373 11.37 16.96 -24.53
N ASP A 374 11.46 18.12 -25.14
CA ASP A 374 11.82 19.31 -24.40
C ASP A 374 10.70 19.75 -23.43
N GLN A 375 9.48 19.31 -23.65
CA GLN A 375 8.36 19.58 -22.74
C GLN A 375 8.40 18.74 -21.43
N PHE A 376 9.29 17.77 -21.35
CA PHE A 376 9.39 16.95 -20.18
C PHE A 376 10.23 17.58 -19.10
N THR A 377 11.01 18.55 -19.47
CA THR A 377 12.00 19.09 -18.56
C THR A 377 11.43 19.56 -17.25
N PRO A 378 10.42 20.42 -17.28
CA PRO A 378 9.92 20.89 -16.02
C PRO A 378 9.22 19.79 -15.22
N LEU A 379 8.70 18.77 -15.90
CA LEU A 379 8.05 17.70 -15.16
C LEU A 379 9.05 17.00 -14.35
N VAL A 380 10.27 16.91 -14.87
CA VAL A 380 11.30 16.25 -14.16
C VAL A 380 11.93 17.10 -13.05
N GLU A 381 12.16 18.35 -13.32
CA GLU A 381 12.97 19.17 -12.40
C GLU A 381 12.21 19.48 -11.12
N GLU A 382 10.91 19.68 -11.20
CA GLU A 382 10.12 20.00 -10.03
C GLU A 382 10.17 18.90 -8.93
N PRO A 383 9.82 17.64 -9.23
CA PRO A 383 9.94 16.65 -8.17
C PRO A 383 11.37 16.42 -7.74
N LYS A 384 12.34 16.53 -8.65
CA LYS A 384 13.74 16.40 -8.19
C LYS A 384 14.14 17.42 -7.13
N SER A 385 13.73 18.69 -7.29
CA SER A 385 14.09 19.66 -6.29
C SER A 385 13.24 19.50 -5.00
N LEU A 386 12.05 18.92 -5.12
CA LEU A 386 11.21 18.68 -3.96
C LEU A 386 11.82 17.59 -3.10
N VAL A 387 12.33 16.55 -3.73
CA VAL A 387 12.94 15.47 -3.02
C VAL A 387 14.20 15.93 -2.32
N LYS A 388 15.01 16.68 -3.02
CA LYS A 388 16.25 17.19 -2.45
C LYS A 388 15.98 18.06 -1.24
N LYS A 389 15.05 18.96 -1.36
CA LYS A 389 14.62 19.79 -0.21
C LYS A 389 14.04 18.99 0.93
N ASN A 390 13.22 17.99 0.65
CA ASN A 390 12.68 17.18 1.74
C ASN A 390 13.73 16.31 2.37
N CYS A 391 14.61 15.72 1.57
CA CYS A 391 15.67 14.90 2.14
C CYS A 391 16.69 15.74 2.90
N ASP A 392 16.94 16.95 2.47
CA ASP A 392 17.84 17.83 3.26
C ASP A 392 17.21 18.11 4.62
N LEU A 393 15.91 18.46 4.66
CA LEU A 393 15.23 18.61 5.92
C LEU A 393 15.30 17.34 6.81
N PHE A 394 14.98 16.19 6.28
CA PHE A 394 15.08 14.95 7.05
C PHE A 394 16.48 14.76 7.67
N GLU A 395 17.48 14.99 6.88
CA GLU A 395 18.88 14.78 7.34
C GLU A 395 19.29 15.77 8.40
N GLU A 396 18.79 16.98 8.31
CA GLU A 396 19.00 18.01 9.29
C GLU A 396 18.25 17.71 10.59
N VAL A 397 16.96 17.30 10.58
CA VAL A 397 16.15 17.23 11.80
C VAL A 397 15.86 15.84 12.33
N GLY A 398 15.97 14.80 11.51
CA GLY A 398 15.67 13.45 11.92
C GLY A 398 14.22 13.09 11.75
N GLU A 399 13.96 11.81 11.89
CA GLU A 399 12.65 11.26 11.62
C GLU A 399 11.52 11.92 12.38
N TYR A 400 11.67 12.04 13.69
CA TYR A 400 10.59 12.53 14.53
C TYR A 400 10.20 13.93 14.13
N ASP A 401 11.15 14.83 13.99
CA ASP A 401 10.77 16.19 13.63
C ASP A 401 10.32 16.37 12.17
N PHE A 402 10.74 15.44 11.32
CA PHE A 402 10.35 15.39 9.94
C PHE A 402 8.88 14.97 9.95
N GLN A 403 8.55 13.91 10.66
CA GLN A 403 7.17 13.52 10.87
C GLN A 403 6.33 14.70 11.34
N ASN A 404 6.84 15.47 12.31
CA ASN A 404 6.12 16.63 12.86
C ASN A 404 5.85 17.63 11.81
N ALA A 405 6.84 17.91 10.97
CA ALA A 405 6.70 18.84 9.87
C ALA A 405 5.61 18.41 8.87
N LEU A 406 5.57 17.11 8.58
CA LEU A 406 4.58 16.56 7.69
C LEU A 406 3.19 16.57 8.27
N ILE A 407 3.08 16.23 9.55
CA ILE A 407 1.83 16.38 10.25
C ILE A 407 1.26 17.76 10.13
N VAL A 408 2.09 18.75 10.33
CA VAL A 408 1.63 20.10 10.22
C VAL A 408 1.21 20.43 8.78
N ARG A 409 1.99 19.95 7.85
CA ARG A 409 1.74 20.20 6.47
C ARG A 409 0.39 19.68 6.05
N TYR A 410 0.12 18.44 6.40
CA TYR A 410 -1.11 17.78 6.01
C TYR A 410 -2.33 18.23 6.82
N THR A 411 -2.11 18.62 8.08
CA THR A 411 -3.18 19.15 8.86
C THR A 411 -3.63 20.45 8.28
N LYS A 412 -2.68 21.27 7.81
CA LYS A 412 -3.11 22.48 7.10
C LYS A 412 -3.88 22.31 5.80
N LYS A 413 -3.48 21.32 5.03
CA LYS A 413 -4.09 21.00 3.77
C LYS A 413 -5.49 20.43 3.99
N ALA A 414 -5.64 19.63 5.05
CA ALA A 414 -6.90 18.95 5.32
C ALA A 414 -7.23 18.87 6.82
N PRO A 415 -7.54 20.02 7.38
CA PRO A 415 -7.78 20.05 8.83
C PRO A 415 -9.05 19.32 9.26
N GLN A 416 -9.93 18.95 8.34
CA GLN A 416 -11.08 18.18 8.69
C GLN A 416 -10.85 16.70 8.93
N VAL A 417 -9.67 16.20 8.58
CA VAL A 417 -9.38 14.79 8.72
C VAL A 417 -9.19 14.51 10.20
N SER A 418 -9.51 13.30 10.65
CA SER A 418 -9.39 12.99 12.05
C SER A 418 -7.91 13.01 12.45
N THR A 419 -7.64 13.32 13.67
CA THR A 419 -6.26 13.36 14.18
C THR A 419 -5.51 12.05 14.06
N PRO A 420 -6.14 10.92 14.36
CA PRO A 420 -5.41 9.64 14.21
C PRO A 420 -4.93 9.37 12.82
N THR A 421 -5.71 9.78 11.81
CA THR A 421 -5.32 9.68 10.38
C THR A 421 -4.19 10.60 9.99
N LEU A 422 -4.29 11.82 10.43
CA LEU A 422 -3.22 12.81 10.15
C LEU A 422 -1.90 12.40 10.75
N VAL A 423 -1.98 11.90 11.98
CA VAL A 423 -0.80 11.43 12.63
C VAL A 423 -0.24 10.23 11.92
N GLU A 424 -1.09 9.29 11.55
CA GLU A 424 -0.64 8.12 10.87
C GLU A 424 0.04 8.47 9.56
N ILE A 425 -0.56 9.29 8.74
CA ILE A 425 0.05 9.61 7.43
C ILE A 425 1.37 10.37 7.64
N GLY A 426 1.40 11.33 8.56
CA GLY A 426 2.65 12.06 8.79
C GLY A 426 3.72 11.17 9.32
N ARG A 427 3.38 10.25 10.20
CA ARG A 427 4.37 9.29 10.66
C ARG A 427 4.86 8.38 9.54
N THR A 428 3.94 7.94 8.68
CA THR A 428 4.33 7.07 7.55
C THR A 428 5.26 7.82 6.62
N LEU A 429 4.94 9.07 6.32
CA LEU A 429 5.77 9.90 5.46
C LEU A 429 7.16 10.06 6.03
N GLY A 430 7.29 10.22 7.33
CA GLY A 430 8.62 10.25 7.94
C GLY A 430 9.42 9.00 7.79
N LYS A 431 8.78 7.86 7.94
CA LYS A 431 9.43 6.58 7.65
C LYS A 431 9.90 6.49 6.19
N VAL A 432 9.20 7.13 5.29
CA VAL A 432 9.61 7.11 3.90
C VAL A 432 10.95 7.81 3.83
N GLY A 433 11.08 8.90 4.55
CA GLY A 433 12.31 9.63 4.60
C GLY A 433 13.44 8.74 5.07
N SER A 434 13.22 8.00 6.14
CA SER A 434 14.26 7.09 6.67
C SER A 434 14.69 6.04 5.66
N ARG A 435 13.72 5.56 4.90
CA ARG A 435 13.99 4.59 3.88
C ARG A 435 14.70 5.18 2.68
N CYS A 436 14.29 6.35 2.24
CA CYS A 436 14.66 6.85 0.91
C CYS A 436 15.76 7.84 0.91
N CYS A 437 15.80 8.71 1.89
CA CYS A 437 16.80 9.75 1.89
C CYS A 437 18.25 9.34 2.00
N LYS A 438 18.50 8.18 2.54
CA LYS A 438 19.89 7.71 2.68
C LYS A 438 20.37 6.93 1.45
N LEU A 439 19.50 6.68 0.48
CA LEU A 439 19.91 5.95 -0.68
C LEU A 439 20.89 6.77 -1.52
N PRO A 440 21.71 6.09 -2.37
CA PRO A 440 22.40 6.75 -3.52
C PRO A 440 21.48 7.78 -4.17
N GLU A 441 22.03 8.93 -4.51
CA GLU A 441 21.18 10.07 -4.85
C GLU A 441 20.25 9.86 -6.04
N SER A 442 20.63 9.05 -7.02
CA SER A 442 19.76 8.81 -8.19
C SER A 442 18.53 7.93 -7.84
N GLU A 443 18.59 7.25 -6.74
CA GLU A 443 17.48 6.39 -6.25
C GLU A 443 16.43 7.08 -5.36
N ARG A 444 16.68 8.30 -4.93
CA ARG A 444 15.84 8.93 -3.94
C ARG A 444 14.51 9.41 -4.51
N LEU A 445 14.52 10.01 -5.70
CA LEU A 445 13.27 10.40 -6.35
C LEU A 445 12.32 9.21 -6.56
N PRO A 446 12.79 8.11 -7.19
CA PRO A 446 11.81 7.04 -7.37
C PRO A 446 11.36 6.42 -6.01
N CYS A 447 12.30 6.15 -5.11
CA CYS A 447 11.95 5.66 -3.81
C CYS A 447 10.89 6.59 -3.11
N SER A 448 11.20 7.86 -3.01
CA SER A 448 10.35 8.80 -2.38
C SER A 448 8.97 8.94 -2.97
N GLU A 449 8.88 9.24 -4.25
CA GLU A 449 7.60 9.40 -4.87
C GLU A 449 6.79 8.13 -4.92
N ASN A 450 7.44 7.01 -5.17
CA ASN A 450 6.71 5.75 -5.21
C ASN A 450 6.13 5.45 -3.84
N HIS A 451 6.91 5.70 -2.79
CA HIS A 451 6.41 5.36 -1.44
C HIS A 451 5.37 6.39 -1.01
N LEU A 452 5.53 7.62 -1.46
CA LEU A 452 4.57 8.65 -1.22
C LEU A 452 3.21 8.25 -1.77
N ALA A 453 3.19 7.70 -2.97
CA ALA A 453 1.99 7.24 -3.58
C ALA A 453 1.25 6.22 -2.71
N LEU A 454 1.99 5.33 -2.03
CA LEU A 454 1.37 4.40 -1.11
C LEU A 454 0.65 5.07 0.09
N ALA A 455 1.31 6.05 0.70
CA ALA A 455 0.78 6.80 1.82
C ALA A 455 -0.39 7.67 1.42
N LEU A 456 -0.25 8.36 0.29
CA LEU A 456 -1.41 9.12 -0.23
C LEU A 456 -2.58 8.23 -0.53
N ASN A 457 -2.31 7.05 -1.06
CA ASN A 457 -3.43 6.19 -1.35
C ASN A 457 -4.15 5.74 -0.09
N ARG A 458 -3.42 5.50 0.99
CA ARG A 458 -3.98 5.15 2.29
C ARG A 458 -4.93 6.21 2.76
N LEU A 459 -4.46 7.44 2.72
CA LEU A 459 -5.31 8.57 3.02
C LEU A 459 -6.53 8.60 2.14
N CYS A 460 -6.40 8.33 0.86
CA CYS A 460 -7.58 8.34 -0.04
C CYS A 460 -8.52 7.23 0.31
N VAL A 461 -7.97 6.08 0.64
CA VAL A 461 -8.85 4.96 0.98
C VAL A 461 -9.70 5.21 2.23
N LEU A 462 -9.06 5.72 3.24
CA LEU A 462 -9.71 6.17 4.47
C LEU A 462 -10.73 7.25 4.21
N HIS A 463 -10.42 8.18 3.34
CA HIS A 463 -11.39 9.21 3.00
C HIS A 463 -12.60 8.69 2.24
N GLU A 464 -12.50 7.56 1.51
CA GLU A 464 -13.68 6.98 0.88
C GLU A 464 -14.68 6.53 1.91
N LYS A 465 -14.15 5.97 2.98
CA LYS A 465 -14.90 5.49 4.09
C LYS A 465 -15.52 6.67 4.88
N THR A 466 -14.74 7.74 5.09
CA THR A 466 -15.07 8.79 5.97
C THR A 466 -14.73 10.12 5.29
N PRO A 467 -15.61 10.59 4.38
CA PRO A 467 -15.32 11.80 3.64
C PRO A 467 -15.50 13.01 4.52
N VAL A 468 -14.55 13.91 4.41
CA VAL A 468 -14.54 15.08 5.22
C VAL A 468 -14.05 16.33 4.47
N SER A 469 -13.43 16.21 3.31
CA SER A 469 -12.81 17.35 2.61
C SER A 469 -12.96 17.18 1.10
N GLU A 470 -13.58 18.16 0.46
CA GLU A 470 -13.73 18.18 -0.99
C GLU A 470 -12.38 18.27 -1.71
N LYS A 471 -11.43 18.87 -1.04
CA LYS A 471 -10.08 19.02 -1.60
C LYS A 471 -9.36 17.68 -1.66
N ILE A 472 -9.49 16.87 -0.62
CA ILE A 472 -9.00 15.53 -0.68
C ILE A 472 -9.73 14.72 -1.75
N THR A 473 -11.06 14.76 -1.80
CA THR A 473 -11.79 14.00 -2.83
C THR A 473 -11.26 14.29 -4.23
N LYS A 474 -11.02 15.56 -4.52
CA LYS A 474 -10.55 15.98 -5.82
C LYS A 474 -9.12 15.47 -6.14
N CYS A 475 -8.18 15.61 -5.19
CA CYS A 475 -6.84 15.06 -5.37
C CYS A 475 -6.87 13.57 -5.52
N CYS A 476 -7.76 12.90 -4.81
CA CYS A 476 -7.80 11.42 -4.80
C CYS A 476 -8.46 10.87 -6.05
N THR A 477 -9.30 11.64 -6.69
CA THR A 477 -10.07 11.09 -7.82
C THR A 477 -9.76 11.67 -9.18
N ASP A 478 -9.00 12.75 -9.28
CA ASP A 478 -8.84 13.38 -10.60
C ASP A 478 -7.93 12.58 -11.51
N SER A 479 -6.74 12.23 -11.08
CA SER A 479 -5.82 11.60 -12.00
C SER A 479 -4.81 10.92 -11.14
N LEU A 480 -4.56 9.69 -11.46
CA LEU A 480 -3.68 8.88 -10.65
C LEU A 480 -2.25 9.47 -10.66
N ALA A 481 -1.80 9.78 -11.86
CA ALA A 481 -0.44 10.21 -12.08
C ALA A 481 -0.23 11.63 -11.51
N GLU A 482 -1.29 12.41 -11.40
CA GLU A 482 -1.25 13.74 -10.82
C GLU A 482 -1.57 13.86 -9.35
N ARG A 483 -1.88 12.77 -8.70
CA ARG A 483 -2.24 12.78 -7.32
C ARG A 483 -1.24 13.44 -6.40
N ARG A 484 0.01 13.06 -6.48
CA ARG A 484 1.03 13.63 -5.63
C ARG A 484 1.16 15.15 -5.86
N PRO A 485 1.38 15.52 -7.20
CA PRO A 485 1.42 16.97 -7.42
C PRO A 485 0.20 17.70 -6.93
N CYS A 486 -0.98 17.13 -7.12
CA CYS A 486 -2.21 17.75 -6.59
C CYS A 486 -2.13 17.94 -5.07
N PHE A 487 -1.69 16.94 -4.31
CA PHE A 487 -1.51 17.07 -2.83
C PHE A 487 -0.45 18.09 -2.42
N SER A 488 0.66 18.08 -3.14
CA SER A 488 1.72 19.03 -2.92
C SER A 488 1.25 20.47 -3.14
N ALA A 489 0.32 20.68 -4.05
CA ALA A 489 -0.21 21.99 -4.36
C ALA A 489 -1.27 22.49 -3.42
N LEU A 490 -1.87 21.62 -2.63
CA LEU A 490 -2.81 22.06 -1.58
C LEU A 490 -2.16 23.00 -0.58
N GLU A 491 -2.91 23.99 -0.20
CA GLU A 491 -2.45 24.96 0.82
C GLU A 491 -3.48 25.02 1.88
N LEU A 492 -3.24 25.84 2.91
CA LEU A 492 -4.21 25.98 3.96
C LEU A 492 -5.57 26.24 3.38
N ASP A 493 -6.45 25.29 3.68
CA ASP A 493 -7.86 25.42 3.45
C ASP A 493 -8.36 26.76 4.09
N GLU A 494 -8.61 27.79 3.27
CA GLU A 494 -8.98 29.13 3.80
C GLU A 494 -10.43 29.27 4.27
N GLY A 495 -11.29 28.35 3.84
CA GLY A 495 -12.68 28.26 4.31
C GLY A 495 -12.83 27.53 5.63
N TYR A 496 -11.70 27.15 6.23
CA TYR A 496 -11.72 26.33 7.43
C TYR A 496 -11.94 27.25 8.64
N VAL A 497 -12.91 26.88 9.46
CA VAL A 497 -13.20 27.59 10.69
C VAL A 497 -12.38 26.85 11.75
N PRO A 498 -11.48 27.55 12.48
CA PRO A 498 -10.72 26.91 13.50
C PRO A 498 -11.56 26.16 14.46
N LYS A 499 -11.04 25.01 14.82
CA LYS A 499 -11.70 24.09 15.74
C LYS A 499 -11.73 24.80 17.09
N GLU A 500 -12.83 24.68 17.81
CA GLU A 500 -12.93 25.31 19.11
C GLU A 500 -11.95 24.72 20.08
N PHE A 501 -11.40 25.56 20.90
CA PHE A 501 -10.37 25.16 21.81
C PHE A 501 -10.97 24.29 22.96
N LYS A 502 -10.38 23.13 23.21
CA LYS A 502 -10.74 22.31 24.39
C LYS A 502 -9.45 22.07 25.12
N ALA A 503 -9.34 22.66 26.29
CA ALA A 503 -8.13 22.55 27.06
C ALA A 503 -7.72 21.09 27.34
N GLU A 504 -8.67 20.19 27.55
CA GLU A 504 -8.34 18.77 27.83
C GLU A 504 -7.45 18.08 26.76
N THR A 505 -7.67 18.44 25.51
CA THR A 505 -6.92 17.89 24.41
C THR A 505 -5.42 18.08 24.56
N PHE A 506 -5.03 19.19 25.20
CA PHE A 506 -3.63 19.57 25.34
C PHE A 506 -3.06 19.32 26.72
N THR A 507 -3.84 18.61 27.51
CA THR A 507 -3.62 18.44 28.91
C THR A 507 -3.08 17.02 29.08
N PHE A 508 -1.83 16.92 29.49
CA PHE A 508 -1.17 15.63 29.72
C PHE A 508 -1.20 15.23 31.21
N HIS A 509 -1.07 13.95 31.47
CA HIS A 509 -1.11 13.37 32.78
C HIS A 509 -0.04 12.30 32.83
N ALA A 510 0.28 11.87 34.05
CA ALA A 510 1.40 10.96 34.32
C ALA A 510 1.33 9.62 33.64
N ASP A 511 0.14 9.25 33.19
CA ASP A 511 -0.03 8.05 32.34
C ASP A 511 0.85 7.98 31.07
N ILE A 512 1.19 9.16 30.52
CA ILE A 512 2.12 9.17 29.37
C ILE A 512 3.51 8.59 29.69
N CYS A 513 3.93 8.71 30.94
CA CYS A 513 5.30 8.32 31.34
C CYS A 513 5.65 6.85 31.21
N THR A 514 4.67 5.97 31.23
CA THR A 514 4.90 4.52 31.12
C THR A 514 4.88 3.99 29.69
N LEU A 515 4.51 4.86 28.75
CA LEU A 515 4.41 4.47 27.35
C LEU A 515 5.80 4.21 26.75
N PRO A 516 5.91 3.21 25.88
CA PRO A 516 7.13 3.13 25.04
C PRO A 516 7.28 4.39 24.18
N GLU A 517 8.51 4.72 23.77
CA GLU A 517 8.80 5.97 23.06
C GLU A 517 7.85 6.26 21.90
N ASP A 518 7.59 5.28 21.04
CA ASP A 518 6.77 5.52 19.87
C ASP A 518 5.33 5.95 20.21
N GLU A 519 4.78 5.43 21.30
CA GLU A 519 3.44 5.78 21.75
C GLU A 519 3.46 7.13 22.42
N LYS A 520 4.54 7.44 23.12
CA LYS A 520 4.70 8.75 23.67
C LYS A 520 4.72 9.82 22.53
N GLN A 521 5.47 9.53 21.48
CA GLN A 521 5.50 10.43 20.32
C GLN A 521 4.13 10.60 19.72
N ILE A 522 3.35 9.54 19.62
CA ILE A 522 2.05 9.63 18.99
C ILE A 522 1.16 10.60 19.77
N LYS A 523 1.28 10.57 21.10
CA LYS A 523 0.47 11.44 21.92
C LYS A 523 0.86 12.89 21.66
N LYS A 524 2.14 13.14 21.56
CA LYS A 524 2.60 14.46 21.35
C LYS A 524 2.26 14.92 19.95
N GLN A 525 2.39 14.02 18.98
CA GLN A 525 2.02 14.31 17.59
C GLN A 525 0.53 14.55 17.44
N SER A 526 -0.26 13.82 18.20
CA SER A 526 -1.72 14.10 18.19
C SER A 526 -2.04 15.50 18.67
N ALA A 527 -1.34 15.91 19.73
CA ALA A 527 -1.54 17.24 20.27
C ALA A 527 -1.06 18.27 19.28
N LEU A 528 0.11 18.03 18.67
CA LEU A 528 0.50 18.87 17.52
C LEU A 528 -0.57 19.10 16.42
N ALA A 529 -1.16 18.02 15.89
CA ALA A 529 -2.20 18.12 14.87
C ALA A 529 -3.32 18.99 15.41
N GLU A 530 -3.71 18.79 16.69
CA GLU A 530 -4.79 19.59 17.32
C GLU A 530 -4.42 21.03 17.49
N LEU A 531 -3.15 21.33 17.77
CA LEU A 531 -2.72 22.73 17.80
C LEU A 531 -2.98 23.37 16.48
N VAL A 532 -2.66 22.68 15.39
CA VAL A 532 -2.88 23.24 14.05
C VAL A 532 -4.37 23.46 13.78
N LYS A 533 -5.19 22.51 14.11
CA LYS A 533 -6.62 22.68 13.91
C LYS A 533 -7.21 23.89 14.60
N HIS A 534 -6.70 24.20 15.77
CA HIS A 534 -7.21 25.34 16.52
C HIS A 534 -6.52 26.62 16.06
N LYS A 535 -5.26 26.52 15.62
CA LYS A 535 -4.51 27.70 15.11
C LYS A 535 -3.92 27.44 13.76
N PRO A 536 -4.77 27.37 12.74
CA PRO A 536 -4.27 26.92 11.40
C PRO A 536 -3.25 27.80 10.70
N LYS A 537 -3.17 29.06 11.08
CA LYS A 537 -2.25 30.01 10.50
C LYS A 537 -0.98 30.11 11.27
N ALA A 538 -0.84 29.38 12.36
CA ALA A 538 0.43 29.35 13.06
C ALA A 538 1.52 28.85 12.11
N THR A 539 2.68 29.44 12.15
CA THR A 539 3.73 29.01 11.27
C THR A 539 4.40 27.75 11.82
N LYS A 540 5.04 27.05 10.91
CA LYS A 540 5.76 25.83 11.26
C LYS A 540 6.80 26.06 12.36
N GLU A 541 7.40 27.21 12.38
CA GLU A 541 8.35 27.55 13.40
C GLU A 541 7.74 27.81 14.79
N GLN A 542 6.59 28.47 14.85
CA GLN A 542 5.87 28.64 16.09
C GLN A 542 5.48 27.27 16.68
N LEU A 543 5.00 26.42 15.79
CA LEU A 543 4.52 25.08 16.17
C LEU A 543 5.65 24.25 16.72
N LYS A 544 6.80 24.31 16.09
CA LYS A 544 7.92 23.57 16.56
C LYS A 544 8.35 24.05 17.93
N THR A 545 8.38 25.36 18.15
CA THR A 545 8.67 25.91 19.49
C THR A 545 7.74 25.42 20.55
N VAL A 546 6.44 25.55 20.30
CA VAL A 546 5.44 25.14 21.25
C VAL A 546 5.57 23.67 21.53
N LEU A 547 5.72 22.86 20.47
CA LEU A 547 5.88 21.39 20.69
C LEU A 547 7.16 21.08 21.51
N GLY A 548 8.22 21.79 21.24
CA GLY A 548 9.42 21.71 22.09
C GLY A 548 9.14 21.98 23.55
N ASN A 549 8.33 23.01 23.85
CA ASN A 549 7.94 23.37 25.23
C ASN A 549 7.08 22.29 25.84
N PHE A 550 6.17 21.71 25.09
CA PHE A 550 5.46 20.52 25.57
C PHE A 550 6.33 19.30 25.82
N SER A 551 7.26 18.97 24.91
CA SER A 551 8.14 17.81 25.12
C SER A 551 9.01 17.99 26.39
N ALA A 552 9.55 19.20 26.60
CA ALA A 552 10.36 19.51 27.79
C ALA A 552 9.57 19.30 29.06
N PHE A 553 8.33 19.78 29.03
CA PHE A 553 7.45 19.68 30.16
C PHE A 553 7.12 18.19 30.45
N VAL A 554 6.88 17.42 29.42
CA VAL A 554 6.59 15.97 29.59
C VAL A 554 7.81 15.25 30.21
N ALA A 555 8.99 15.57 29.69
CA ALA A 555 10.18 14.89 30.10
C ALA A 555 10.46 15.26 31.53
N LYS A 556 10.24 16.52 31.91
CA LYS A 556 10.54 16.96 33.27
C LYS A 556 9.57 16.32 34.22
N CYS A 557 8.29 16.34 33.86
CA CYS A 557 7.31 15.79 34.78
C CYS A 557 7.43 14.27 34.89
N CYS A 558 7.81 13.63 33.80
CA CYS A 558 8.01 12.19 33.88
C CYS A 558 9.22 11.82 34.74
N GLY A 559 10.20 12.69 34.89
CA GLY A 559 11.30 12.43 35.83
C GLY A 559 11.12 12.96 37.25
N ALA A 560 9.92 13.48 37.55
CA ALA A 560 9.67 14.05 38.84
C ALA A 560 9.37 12.94 39.85
N GLU A 561 9.60 13.32 41.11
CA GLU A 561 9.25 12.54 42.25
C GLU A 561 7.75 12.26 42.30
N ASP A 562 6.96 13.32 42.23
CA ASP A 562 5.49 13.28 42.16
C ASP A 562 5.02 13.75 40.77
N LYS A 563 4.88 12.76 39.91
CA LYS A 563 4.64 12.97 38.48
C LYS A 563 3.35 13.72 38.21
N GLU A 564 2.23 13.24 38.76
CA GLU A 564 0.97 13.91 38.56
C GLU A 564 0.88 15.32 39.16
N ALA A 565 1.51 15.55 40.31
CA ALA A 565 1.50 16.90 40.87
C ALA A 565 2.23 17.81 39.90
N CYS A 566 3.31 17.29 39.35
CA CYS A 566 4.06 18.04 38.35
C CYS A 566 3.21 18.45 37.11
N PHE A 567 2.57 17.44 36.50
CA PHE A 567 1.66 17.62 35.39
C PHE A 567 0.51 18.58 35.73
N ALA A 568 -0.09 18.42 36.92
CA ALA A 568 -1.21 19.24 37.37
C ALA A 568 -0.83 20.70 37.62
N GLU A 569 0.36 20.95 38.13
CA GLU A 569 0.79 22.31 38.43
C GLU A 569 1.18 23.05 37.15
N GLU A 570 2.02 22.43 36.35
CA GLU A 570 2.73 23.13 35.28
C GLU A 570 1.92 23.09 34.00
N GLY A 571 1.19 21.99 33.81
CA GLY A 571 0.40 21.76 32.59
C GLY A 571 -0.50 22.88 32.17
N PRO A 572 -1.38 23.32 33.08
CA PRO A 572 -2.34 24.35 32.69
C PRO A 572 -1.75 25.69 32.26
N LYS A 573 -0.64 26.08 32.87
CA LYS A 573 0.08 27.31 32.46
C LYS A 573 0.54 27.22 31.03
N LEU A 574 1.19 26.10 30.73
CA LEU A 574 1.70 25.78 29.39
C LEU A 574 0.59 25.76 28.37
N VAL A 575 -0.52 25.15 28.70
CA VAL A 575 -1.65 25.07 27.78
C VAL A 575 -2.09 26.48 27.41
N ALA A 576 -2.23 27.38 28.40
CA ALA A 576 -2.67 28.77 28.09
C ALA A 576 -1.60 29.57 27.32
N SER A 577 -0.37 29.47 27.76
CA SER A 577 0.65 30.35 27.19
C SER A 577 1.02 29.93 25.76
N SER A 578 0.91 28.62 25.49
CA SER A 578 1.13 28.03 24.17
C SER A 578 0.11 28.63 23.16
N GLN A 579 -1.10 28.91 23.57
CA GLN A 579 -2.03 29.54 22.64
C GLN A 579 -1.58 30.96 22.22
N LEU A 580 -0.95 31.69 23.13
CA LEU A 580 -0.43 33.03 22.80
C LEU A 580 0.72 32.97 21.80
N ALA A 581 1.47 31.88 21.90
CA ALA A 581 2.64 31.67 21.03
C ALA A 581 2.23 31.27 19.59
N LEU A 582 0.97 30.88 19.37
CA LEU A 582 0.49 30.44 18.04
C LEU A 582 -0.34 31.54 17.34
N ALA A 583 -0.87 31.26 16.15
CA ALA A 583 -1.19 32.28 15.14
C ALA A 583 -0.82 33.72 15.59
#